data_4BPA
#
_entry.id   4BPA
#
_cell.length_a   45.230
_cell.length_b   93.560
_cell.length_c   104.350
_cell.angle_alpha   90.00
_cell.angle_beta   90.00
_cell.angle_gamma   90.00
#
_symmetry.space_group_name_H-M   'P 21 21 21'
#
loop_
_entity.id
_entity.type
_entity.pdbx_description
1 polymer AMPDH2
2 branched '2-acetamido-2-deoxy-beta-D-glucopyranose-(1-4)-N-acetyl-beta-muramic acid-(1-4)-2-acetamido-2-deoxy-beta-D-glucopyranose-(1-4)-methyl 2-acetamido-3-O-[(1R)-1-carboxyethyl]-2-deoxy-beta-D-glucopyranoside'
3 non-polymer 'ZINC ION'
4 water water
#
_entity_poly.entity_id   1
_entity_poly.type   'polypeptide(L)'
_entity_poly.pdbx_seq_one_letter_code
;MRSFVLLAFTLSLLAGCSSGPRLNTDYTSANQDSRVQFIVLHYTSTDLPHSLGILTHGGVSAHYLIGDDEPATVYRLVDE
NRRAWHAGVSEWQGRTWLNATSIGIEIVNQGYRDTPQGRVWYPFSEAQIQALIPLLKDIAKRHGITPDRIIGHSDIAPGR
KVDPGPLFPWKRLADAGLVPWPKPGELARRLAELNGQLPDVRWFQQQLARHGYLVPQTGELEKDTRDVIGAFQMKYRPAR
FDGEPDLETAALLLAVPTS
;
_entity_poly.pdbx_strand_id   A,B
#
# COMPACT_ATOMS: atom_id res chain seq x y z
N SER A 19 -20.78 -19.49 -23.74
CA SER A 19 -20.89 -18.48 -22.63
C SER A 19 -20.04 -18.89 -21.42
N GLY A 20 -19.07 -18.03 -21.07
CA GLY A 20 -18.21 -18.20 -19.89
C GLY A 20 -16.77 -18.68 -20.12
N PRO A 21 -15.97 -18.75 -19.04
CA PRO A 21 -14.59 -19.25 -19.05
C PRO A 21 -14.43 -20.69 -18.55
N ARG A 22 -13.16 -21.03 -18.33
CA ARG A 22 -12.69 -22.25 -17.67
C ARG A 22 -11.22 -22.02 -17.29
N LEU A 23 -10.82 -22.42 -16.09
CA LEU A 23 -9.49 -22.09 -15.58
C LEU A 23 -8.41 -23.07 -16.00
N ASN A 24 -7.25 -22.54 -16.38
CA ASN A 24 -6.06 -23.35 -16.64
C ASN A 24 -4.98 -22.99 -15.62
N THR A 25 -4.48 -24.00 -14.92
CA THR A 25 -3.45 -23.79 -13.89
C THR A 25 -2.19 -24.62 -14.20
N ASP A 26 -1.97 -24.90 -15.48
CA ASP A 26 -0.81 -25.65 -15.93
C ASP A 26 0.48 -24.86 -15.68
N TYR A 27 0.42 -23.55 -15.93
CA TYR A 27 1.61 -22.70 -15.84
C TYR A 27 1.60 -21.83 -14.58
N THR A 28 2.79 -21.51 -14.10
CA THR A 28 2.95 -20.76 -12.86
C THR A 28 4.18 -19.84 -12.97
N SER A 29 3.98 -18.57 -12.63
CA SER A 29 5.00 -17.56 -12.81
C SER A 29 6.09 -17.65 -11.75
N ALA A 30 7.33 -17.48 -12.17
CA ALA A 30 8.46 -17.38 -11.26
C ALA A 30 8.54 -15.97 -10.69
N ASN A 31 7.81 -15.04 -11.31
CA ASN A 31 7.91 -13.60 -10.98
C ASN A 31 6.84 -13.19 -9.98
N GLN A 32 6.96 -13.74 -8.76
CA GLN A 32 6.00 -13.51 -7.72
C GLN A 32 6.69 -13.58 -6.36
N ASP A 33 6.17 -12.86 -5.38
CA ASP A 33 6.70 -12.91 -4.04
C ASP A 33 5.56 -12.67 -3.05
N SER A 34 5.92 -12.29 -1.85
CA SER A 34 4.94 -12.10 -0.78
C SER A 34 4.22 -10.76 -0.89
N ARG A 35 2.95 -10.74 -0.50
CA ARG A 35 2.20 -9.50 -0.38
C ARG A 35 2.66 -8.71 0.84
N VAL A 36 3.28 -9.40 1.80
CA VAL A 36 3.72 -8.78 3.04
C VAL A 36 5.12 -8.21 2.87
N GLN A 37 5.22 -6.88 2.97
CA GLN A 37 6.51 -6.18 2.86
C GLN A 37 7.03 -5.66 4.19
N PHE A 38 6.13 -5.34 5.12
CA PHE A 38 6.52 -4.75 6.40
C PHE A 38 6.03 -5.56 7.59
N ILE A 39 6.76 -5.41 8.71
CA ILE A 39 6.32 -5.92 10.00
C ILE A 39 6.23 -4.72 10.96
N VAL A 40 5.05 -4.51 11.54
CA VAL A 40 4.83 -3.40 12.46
C VAL A 40 4.75 -3.89 13.90
N LEU A 41 5.61 -3.36 14.77
CA LEU A 41 5.60 -3.72 16.18
C LEU A 41 4.69 -2.78 17.00
N HIS A 42 3.98 -3.35 17.97
CA HIS A 42 3.11 -2.60 18.86
C HIS A 42 3.30 -3.05 20.29
N TYR A 43 2.75 -2.27 21.21
CA TYR A 43 2.37 -2.78 22.52
C TYR A 43 0.87 -2.62 22.71
N THR A 44 0.31 -3.38 23.64
CA THR A 44 -1.15 -3.33 23.92
C THR A 44 -1.71 -2.21 24.81
N SER A 45 -0.93 -1.71 25.78
CA SER A 45 -1.46 -0.79 26.81
C SER A 45 -2.55 -1.47 27.68
N THR A 46 -2.49 -2.79 27.77
CA THR A 46 -3.39 -3.51 28.65
C THR A 46 -2.85 -4.93 28.88
N ASP A 47 -3.38 -5.59 29.90
CA ASP A 47 -2.88 -6.92 30.32
C ASP A 47 -3.22 -8.03 29.31
N LEU A 48 -2.72 -9.23 29.57
CA LEU A 48 -2.88 -10.37 28.66
C LEU A 48 -4.34 -10.78 28.42
N PRO A 49 -5.13 -10.99 29.50
CA PRO A 49 -6.53 -11.35 29.28
C PRO A 49 -7.31 -10.35 28.42
N HIS A 50 -7.15 -9.06 28.70
CA HIS A 50 -7.89 -8.04 27.98
C HIS A 50 -7.37 -7.90 26.54
N SER A 51 -6.07 -8.07 26.35
CA SER A 51 -5.46 -8.01 25.02
C SER A 51 -6.05 -9.07 24.10
N LEU A 52 -6.20 -10.29 24.61
CA LEU A 52 -6.78 -11.39 23.84
C LEU A 52 -8.18 -11.05 23.35
N GLY A 53 -9.00 -10.51 24.23
CA GLY A 53 -10.36 -10.11 23.88
C GLY A 53 -10.38 -9.02 22.83
N ILE A 54 -9.62 -7.95 23.08
CA ILE A 54 -9.56 -6.78 22.19
C ILE A 54 -9.09 -7.18 20.80
N LEU A 55 -8.06 -8.01 20.75
CA LEU A 55 -7.45 -8.40 19.48
C LEU A 55 -8.22 -9.49 18.74
N THR A 56 -9.16 -10.15 19.41
CA THR A 56 -10.02 -11.16 18.75
C THR A 56 -11.45 -10.68 18.49
N HIS A 57 -11.93 -9.74 19.31
CA HIS A 57 -13.29 -9.24 19.16
C HIS A 57 -13.44 -7.74 19.41
N GLY A 58 -12.36 -6.96 19.30
CA GLY A 58 -12.42 -5.52 19.56
C GLY A 58 -12.55 -4.55 18.41
N GLY A 59 -12.35 -5.04 17.18
CA GLY A 59 -12.29 -4.16 16.02
C GLY A 59 -10.90 -3.57 15.82
N VAL A 60 -9.93 -4.05 16.59
CA VAL A 60 -8.52 -3.91 16.28
C VAL A 60 -7.99 -5.33 16.35
N SER A 61 -6.96 -5.61 15.56
CA SER A 61 -6.38 -6.95 15.47
C SER A 61 -4.90 -6.90 15.19
N ALA A 62 -4.24 -8.00 15.50
CA ALA A 62 -2.88 -8.23 15.05
C ALA A 62 -2.72 -9.72 14.76
N HIS A 63 -1.75 -10.04 13.91
CA HIS A 63 -1.50 -11.42 13.54
C HIS A 63 -0.96 -12.19 14.72
N TYR A 64 -0.16 -11.51 15.54
CA TYR A 64 0.47 -12.14 16.67
C TYR A 64 0.34 -11.30 17.93
N LEU A 65 0.31 -12.00 19.05
CA LEU A 65 0.24 -11.37 20.36
C LEU A 65 1.23 -12.09 21.27
N ILE A 66 2.23 -11.36 21.75
CA ILE A 66 3.22 -11.95 22.64
C ILE A 66 2.83 -11.71 24.09
N GLY A 67 2.47 -12.79 24.78
CA GLY A 67 2.05 -12.72 26.17
C GLY A 67 3.19 -12.36 27.11
N ASP A 68 2.84 -12.02 28.35
CA ASP A 68 3.79 -11.62 29.40
C ASP A 68 4.20 -12.78 30.31
N ASP A 69 3.63 -13.96 30.10
CA ASP A 69 4.02 -15.17 30.82
C ASP A 69 5.52 -15.48 30.62
N GLU A 70 5.99 -16.53 31.28
CA GLU A 70 7.37 -16.98 31.09
C GLU A 70 7.41 -18.50 31.13
N PRO A 71 7.77 -19.13 30.02
CA PRO A 71 8.18 -18.46 28.79
C PRO A 71 7.01 -17.77 28.09
N ALA A 72 7.31 -16.71 27.32
CA ALA A 72 6.27 -15.93 26.65
C ALA A 72 5.58 -16.72 25.55
N THR A 73 4.26 -16.81 25.64
CA THR A 73 3.46 -17.53 24.66
C THR A 73 3.07 -16.57 23.54
N VAL A 74 3.26 -17.01 22.30
CA VAL A 74 2.91 -16.20 21.13
C VAL A 74 1.61 -16.75 20.52
N TYR A 75 0.62 -15.89 20.32
CA TYR A 75 -0.69 -16.28 19.82
C TYR A 75 -0.85 -15.85 18.37
N ARG A 76 -1.13 -16.79 17.46
CA ARG A 76 -1.55 -16.44 16.12
C ARG A 76 -3.05 -16.23 16.15
N LEU A 77 -3.46 -14.98 15.92
CA LEU A 77 -4.88 -14.60 15.93
C LEU A 77 -5.43 -14.38 14.53
N VAL A 78 -4.55 -14.05 13.59
CA VAL A 78 -4.91 -13.88 12.18
C VAL A 78 -3.78 -14.49 11.34
N ASP A 79 -4.14 -15.35 10.37
CA ASP A 79 -3.18 -15.93 9.42
C ASP A 79 -2.42 -14.82 8.74
N GLU A 80 -1.14 -15.04 8.46
CA GLU A 80 -0.32 -14.05 7.74
C GLU A 80 -0.86 -13.82 6.33
N ASN A 81 -1.92 -14.53 6.01
CA ASN A 81 -2.53 -14.50 4.70
C ASN A 81 -3.59 -13.43 4.59
N ARG A 82 -4.23 -13.12 5.71
CA ARG A 82 -5.33 -12.16 5.74
C ARG A 82 -4.89 -10.86 6.37
N ARG A 83 -5.75 -9.87 6.28
CA ARG A 83 -5.43 -8.53 6.75
C ARG A 83 -5.83 -8.33 8.22
N ALA A 84 -4.85 -8.01 9.07
CA ALA A 84 -5.11 -7.63 10.44
C ALA A 84 -5.17 -6.10 10.52
N TRP A 85 -6.02 -5.59 11.41
CA TRP A 85 -6.26 -4.16 11.56
C TRP A 85 -5.50 -3.59 12.76
N HIS A 86 -4.25 -3.20 12.52
CA HIS A 86 -3.35 -2.74 13.58
C HIS A 86 -2.74 -1.35 13.28
N ALA A 87 -2.51 -1.04 12.00
CA ALA A 87 -1.73 0.13 11.62
C ALA A 87 -2.55 1.42 11.45
N GLY A 88 -3.72 1.32 10.82
CA GLY A 88 -4.52 2.52 10.52
C GLY A 88 -3.85 3.42 9.49
N VAL A 89 -4.01 4.73 9.63
CA VAL A 89 -3.38 5.69 8.72
C VAL A 89 -1.86 5.67 8.89
N SER A 90 -1.15 5.35 7.81
CA SER A 90 0.24 4.95 7.92
C SER A 90 1.04 5.24 6.66
N GLU A 91 2.34 5.48 6.84
CA GLU A 91 3.26 5.51 5.71
C GLU A 91 4.69 5.11 6.10
N TRP A 92 5.31 4.30 5.25
CA TRP A 92 6.71 3.96 5.38
C TRP A 92 7.33 3.80 3.99
N GLN A 93 8.45 4.47 3.77
CA GLN A 93 9.11 4.45 2.47
C GLN A 93 8.11 4.70 1.34
N GLY A 94 7.20 5.65 1.54
CA GLY A 94 6.23 6.02 0.52
C GLY A 94 5.06 5.06 0.37
N ARG A 95 5.11 3.93 1.07
CA ARG A 95 4.01 2.95 1.06
C ARG A 95 2.98 3.41 2.08
N THR A 96 1.73 3.60 1.65
CA THR A 96 0.67 4.07 2.53
C THR A 96 -0.29 2.95 2.92
N TRP A 97 -1.06 3.17 3.99
CA TRP A 97 -2.06 2.20 4.45
C TRP A 97 -1.49 0.79 4.60
N LEU A 98 -0.67 0.60 5.63
CA LEU A 98 0.21 -0.56 5.70
C LEU A 98 -0.46 -1.88 6.10
N ASN A 99 -1.63 -1.84 6.71
CA ASN A 99 -2.35 -3.07 7.11
C ASN A 99 -2.27 -4.16 6.06
N ALA A 100 -2.77 -3.85 4.86
CA ALA A 100 -2.87 -4.83 3.78
C ALA A 100 -1.51 -5.39 3.34
N THR A 101 -0.44 -4.64 3.60
CA THR A 101 0.91 -4.98 3.16
C THR A 101 1.82 -5.36 4.33
N SER A 102 1.23 -5.66 5.49
CA SER A 102 2.06 -5.86 6.68
C SER A 102 1.56 -6.94 7.62
N ILE A 103 2.46 -7.33 8.51
CA ILE A 103 2.15 -8.21 9.63
C ILE A 103 2.31 -7.38 10.91
N GLY A 104 1.23 -7.29 11.69
CA GLY A 104 1.25 -6.62 12.98
C GLY A 104 1.50 -7.57 14.13
N ILE A 105 2.37 -7.15 15.06
CA ILE A 105 2.70 -7.93 16.25
C ILE A 105 2.49 -7.06 17.50
N GLU A 106 1.50 -7.44 18.32
CA GLU A 106 1.24 -6.75 19.58
C GLU A 106 1.98 -7.48 20.69
N ILE A 107 2.37 -6.72 21.71
CA ILE A 107 3.10 -7.26 22.84
C ILE A 107 2.39 -6.78 24.09
N VAL A 108 2.01 -7.71 24.98
CA VAL A 108 1.37 -7.31 26.21
C VAL A 108 2.39 -6.50 27.00
N ASN A 109 2.06 -5.24 27.16
CA ASN A 109 2.87 -4.31 27.88
C ASN A 109 1.97 -3.15 28.15
N GLN A 110 1.95 -2.70 29.38
CA GLN A 110 1.22 -1.50 29.67
C GLN A 110 2.11 -0.48 28.94
N GLY A 111 1.53 0.52 28.30
CA GLY A 111 2.34 1.34 27.40
C GLY A 111 3.12 2.34 28.21
N TYR A 112 2.40 3.38 28.55
CA TYR A 112 2.89 4.38 29.46
C TYR A 112 1.80 4.68 30.48
N ARG A 113 2.17 5.46 31.48
CA ARG A 113 1.20 6.02 32.43
C ARG A 113 1.65 7.44 32.72
N ASP A 114 0.69 8.30 33.06
CA ASP A 114 0.96 9.70 33.34
C ASP A 114 0.89 9.96 34.84
N THR A 115 2.06 10.08 35.45
CA THR A 115 2.17 10.18 36.89
C THR A 115 2.47 11.62 37.30
N PRO A 116 2.34 11.92 38.61
CA PRO A 116 2.79 13.19 39.16
C PRO A 116 4.31 13.46 39.01
N GLN A 117 5.07 12.45 38.60
CA GLN A 117 6.52 12.52 38.45
C GLN A 117 6.93 12.37 36.97
N GLY A 118 6.05 12.79 36.06
CA GLY A 118 6.31 12.71 34.62
C GLY A 118 5.55 11.55 34.00
N ARG A 119 5.97 11.15 32.80
CA ARG A 119 5.41 9.96 32.15
C ARG A 119 6.36 8.82 32.43
N VAL A 120 5.79 7.68 32.80
CA VAL A 120 6.55 6.46 32.99
C VAL A 120 6.14 5.45 31.93
N TRP A 121 7.11 4.70 31.40
CA TRP A 121 6.86 3.64 30.45
C TRP A 121 7.19 2.31 31.11
N TYR A 122 6.37 1.30 30.83
CA TYR A 122 6.62 -0.04 31.34
C TYR A 122 7.62 -0.75 30.46
N PRO A 123 8.63 -1.39 31.07
CA PRO A 123 9.56 -2.16 30.29
C PRO A 123 8.98 -3.49 29.88
N PHE A 124 9.59 -4.09 28.86
CA PHE A 124 9.13 -5.36 28.32
C PHE A 124 9.79 -6.47 29.11
N SER A 125 9.04 -7.52 29.43
CA SER A 125 9.62 -8.70 30.04
C SER A 125 10.66 -9.29 29.10
N GLU A 126 11.73 -9.83 29.65
CA GLU A 126 12.77 -10.46 28.83
C GLU A 126 12.27 -11.74 28.14
N ALA A 127 11.30 -12.39 28.77
CA ALA A 127 10.66 -13.58 28.20
C ALA A 127 10.04 -13.27 26.86
N GLN A 128 9.35 -12.13 26.78
CA GLN A 128 8.65 -11.73 25.56
C GLN A 128 9.61 -11.30 24.44
N ILE A 129 10.77 -10.77 24.80
CA ILE A 129 11.79 -10.40 23.81
C ILE A 129 12.39 -11.65 23.17
N GLN A 130 12.74 -12.64 23.98
CA GLN A 130 13.30 -13.91 23.48
C GLN A 130 12.29 -14.73 22.68
N ALA A 131 11.00 -14.47 22.88
CA ALA A 131 9.94 -15.05 22.07
C ALA A 131 9.84 -14.30 20.75
N LEU A 132 9.98 -12.98 20.84
CA LEU A 132 9.84 -12.08 19.70
C LEU A 132 10.87 -12.30 18.60
N ILE A 133 12.13 -12.46 18.98
CA ILE A 133 13.22 -12.54 18.00
C ILE A 133 13.05 -13.73 17.04
N PRO A 134 13.01 -14.97 17.58
CA PRO A 134 12.72 -16.14 16.74
C PRO A 134 11.53 -15.93 15.81
N LEU A 135 10.43 -15.39 16.35
CA LEU A 135 9.25 -15.08 15.54
C LEU A 135 9.60 -14.17 14.36
N LEU A 136 10.29 -13.07 14.65
CA LEU A 136 10.66 -12.10 13.61
C LEU A 136 11.58 -12.70 12.56
N LYS A 137 12.54 -13.51 13.00
CA LYS A 137 13.43 -14.23 12.08
C LYS A 137 12.60 -15.11 11.15
N ASP A 138 11.69 -15.89 11.72
CA ASP A 138 10.87 -16.83 10.98
C ASP A 138 9.96 -16.13 9.97
N ILE A 139 9.28 -15.07 10.42
CA ILE A 139 8.41 -14.27 9.55
C ILE A 139 9.21 -13.59 8.45
N ALA A 140 10.33 -12.98 8.81
CA ALA A 140 11.17 -12.27 7.84
C ALA A 140 11.76 -13.20 6.79
N LYS A 141 12.15 -14.41 7.20
CA LYS A 141 12.71 -15.42 6.29
C LYS A 141 11.66 -15.86 5.25
N ARG A 142 10.49 -16.26 5.73
CA ARG A 142 9.42 -16.76 4.87
C ARG A 142 8.88 -15.70 3.91
N HIS A 143 8.87 -14.44 4.34
CA HIS A 143 8.29 -13.37 3.53
C HIS A 143 9.33 -12.51 2.83
N GLY A 144 10.60 -12.83 3.07
CA GLY A 144 11.71 -12.07 2.49
C GLY A 144 11.66 -10.59 2.82
N ILE A 145 11.42 -10.28 4.10
CA ILE A 145 11.33 -8.90 4.56
C ILE A 145 12.68 -8.46 5.09
N THR A 146 13.09 -7.27 4.69
CA THR A 146 14.40 -6.72 4.97
C THR A 146 14.36 -6.01 6.33
N PRO A 147 15.52 -5.85 7.00
CA PRO A 147 15.53 -5.15 8.28
C PRO A 147 14.88 -3.77 8.29
N ASP A 148 15.07 -2.99 7.23
CA ASP A 148 14.50 -1.63 7.19
C ASP A 148 12.97 -1.59 7.14
N ARG A 149 12.36 -2.76 6.96
CA ARG A 149 10.92 -2.91 6.89
C ARG A 149 10.34 -3.63 8.12
N ILE A 150 11.18 -3.91 9.11
CA ILE A 150 10.73 -4.37 10.42
C ILE A 150 10.77 -3.17 11.35
N ILE A 151 9.60 -2.62 11.67
CA ILE A 151 9.51 -1.28 12.23
C ILE A 151 8.39 -1.10 13.25
N GLY A 152 8.46 -0.02 14.02
CA GLY A 152 7.48 0.28 15.06
C GLY A 152 6.32 1.09 14.55
N HIS A 153 5.26 1.17 15.36
CA HIS A 153 4.08 1.94 14.99
C HIS A 153 4.38 3.44 15.04
N SER A 154 5.23 3.83 15.99
CA SER A 154 5.73 5.21 16.10
C SER A 154 6.42 5.70 14.82
N ASP A 155 7.00 4.77 14.05
CA ASP A 155 7.67 5.12 12.80
C ASP A 155 6.70 5.40 11.66
N ILE A 156 5.62 4.61 11.59
CA ILE A 156 4.68 4.71 10.46
C ILE A 156 3.56 5.73 10.71
N ALA A 157 3.51 6.26 11.92
CA ALA A 157 2.64 7.38 12.23
C ALA A 157 3.29 8.18 13.35
N PRO A 158 4.32 9.00 13.01
CA PRO A 158 5.01 9.76 14.05
C PRO A 158 4.05 10.78 14.66
N GLY A 159 4.11 10.97 15.97
CA GLY A 159 3.27 11.95 16.65
C GLY A 159 1.80 11.57 16.81
N ARG A 160 1.31 10.62 16.01
CA ARG A 160 -0.02 10.05 16.24
C ARG A 160 0.15 8.85 17.14
N LYS A 161 1.24 8.10 16.94
CA LYS A 161 1.52 6.90 17.71
C LYS A 161 2.90 6.98 18.30
N VAL A 162 3.15 6.16 19.31
CA VAL A 162 4.40 6.22 20.05
C VAL A 162 4.87 4.85 20.57
N ASP A 163 4.21 3.78 20.13
CA ASP A 163 4.56 2.42 20.53
C ASP A 163 5.48 1.79 19.49
N PRO A 164 6.37 0.89 19.94
CA PRO A 164 6.44 0.33 21.29
C PRO A 164 7.22 1.14 22.34
N GLY A 165 7.61 2.38 22.01
CA GLY A 165 8.18 3.31 23.00
C GLY A 165 9.68 3.18 23.18
N PRO A 166 10.28 4.08 24.00
CA PRO A 166 11.73 4.12 24.16
C PRO A 166 12.34 2.93 24.92
N LEU A 167 11.50 2.12 25.55
CA LEU A 167 11.97 0.96 26.30
C LEU A 167 12.04 -0.31 25.48
N PHE A 168 11.72 -0.21 24.18
CA PHE A 168 11.86 -1.35 23.29
C PHE A 168 13.33 -1.54 22.94
N PRO A 169 13.88 -2.75 23.17
CA PRO A 169 15.29 -3.01 22.91
C PRO A 169 15.56 -3.32 21.45
N TRP A 170 15.56 -2.28 20.63
CA TRP A 170 15.90 -2.41 19.22
C TRP A 170 17.31 -2.96 19.09
N LYS A 171 18.16 -2.59 20.03
CA LYS A 171 19.54 -3.05 20.08
C LYS A 171 19.63 -4.57 20.03
N ARG A 172 18.71 -5.24 20.70
CA ARG A 172 18.69 -6.71 20.71
C ARG A 172 18.28 -7.25 19.34
N LEU A 173 17.31 -6.60 18.73
CA LEU A 173 16.87 -6.97 17.38
C LEU A 173 17.98 -6.71 16.37
N ALA A 174 18.65 -5.57 16.52
CA ALA A 174 19.83 -5.26 15.75
C ALA A 174 20.87 -6.37 15.87
N ASP A 175 21.10 -6.84 17.10
CA ASP A 175 22.06 -7.93 17.37
C ASP A 175 21.70 -9.24 16.68
N ALA A 176 20.40 -9.50 16.57
CA ALA A 176 19.91 -10.67 15.84
C ALA A 176 19.84 -10.40 14.33
N GLY A 177 20.23 -9.20 13.92
CA GLY A 177 20.25 -8.82 12.50
C GLY A 177 18.89 -8.48 11.94
N LEU A 178 17.94 -8.15 12.82
CA LEU A 178 16.53 -8.01 12.42
C LEU A 178 16.12 -6.57 12.08
N VAL A 179 16.89 -5.59 12.54
CA VAL A 179 16.59 -4.18 12.28
C VAL A 179 17.89 -3.42 12.02
N PRO A 180 17.84 -2.33 11.22
CA PRO A 180 19.06 -1.57 10.96
C PRO A 180 19.69 -1.04 12.21
N TRP A 181 21.02 -1.03 12.22
CA TRP A 181 21.79 -0.56 13.36
C TRP A 181 23.20 -0.23 12.92
N PRO A 182 23.74 0.89 13.43
CA PRO A 182 25.10 1.27 13.05
C PRO A 182 26.17 0.31 13.61
N LYS A 183 27.23 0.07 12.83
CA LYS A 183 28.36 -0.73 13.29
C LYS A 183 29.12 -0.04 14.43
N PRO A 184 29.96 -0.79 15.18
CA PRO A 184 30.68 -0.25 16.34
C PRO A 184 31.43 1.07 16.12
N GLY A 185 32.21 1.15 15.05
CA GLY A 185 32.98 2.38 14.75
C GLY A 185 32.27 3.48 13.97
N GLU A 186 31.01 3.26 13.60
CA GLU A 186 30.31 4.12 12.63
C GLU A 186 29.91 5.45 13.25
N LEU A 187 29.23 5.41 14.36
CA LEU A 187 28.87 6.64 14.97
C LEU A 187 30.15 7.38 15.01
N ALA A 188 30.98 7.04 15.97
CA ALA A 188 32.14 7.86 16.34
C ALA A 188 32.83 8.48 15.12
N ARG A 189 32.77 7.77 14.00
CA ARG A 189 33.35 8.25 12.75
C ARG A 189 32.49 9.35 12.13
N ARG A 190 31.16 9.26 12.30
CA ARG A 190 30.23 10.23 11.74
C ARG A 190 30.27 11.59 12.45
N LEU A 191 30.36 11.58 13.79
CA LEU A 191 30.58 12.78 14.60
C LEU A 191 31.87 13.49 14.25
N ALA A 192 32.88 12.70 13.94
CA ALA A 192 34.18 13.21 13.53
C ALA A 192 34.08 13.96 12.20
N GLU A 193 33.26 13.43 11.29
CA GLU A 193 33.00 14.09 10.01
C GLU A 193 32.23 15.40 10.17
N LEU A 194 31.27 15.42 11.10
CA LEU A 194 30.43 16.60 11.32
C LEU A 194 31.19 17.82 11.83
N ASN A 195 32.33 17.57 12.48
CA ASN A 195 33.24 18.63 12.91
C ASN A 195 32.69 19.50 14.06
N GLY A 196 31.58 19.06 14.66
CA GLY A 196 30.88 19.86 15.67
C GLY A 196 29.86 20.83 15.11
N GLN A 197 29.69 20.86 13.78
CA GLN A 197 28.77 21.79 13.12
C GLN A 197 27.42 21.10 12.88
N LEU A 198 26.37 21.62 13.50
CA LEU A 198 25.02 21.02 13.45
C LEU A 198 24.31 21.41 12.15
N PRO A 199 23.89 20.40 11.35
CA PRO A 199 23.08 20.67 10.15
C PRO A 199 21.74 21.34 10.41
N ASP A 200 21.19 21.99 9.38
CA ASP A 200 19.91 22.69 9.46
C ASP A 200 18.72 21.73 9.33
N VAL A 201 17.54 22.19 9.75
CA VAL A 201 16.29 21.39 9.74
C VAL A 201 16.03 20.69 8.41
N ARG A 202 16.20 21.43 7.31
CA ARG A 202 16.01 20.89 5.97
C ARG A 202 16.83 19.64 5.75
N TRP A 203 18.06 19.63 6.25
CA TRP A 203 18.97 18.50 6.13
C TRP A 203 18.43 17.30 6.90
N PHE A 204 18.06 17.54 8.15
CA PHE A 204 17.42 16.51 8.97
C PHE A 204 16.18 15.93 8.28
N GLN A 205 15.34 16.81 7.74
CA GLN A 205 14.14 16.42 6.99
C GLN A 205 14.46 15.55 5.78
N GLN A 206 15.60 15.83 5.14
CA GLN A 206 16.04 15.07 3.98
C GLN A 206 16.47 13.67 4.41
N GLN A 207 17.24 13.60 5.49
CA GLN A 207 17.76 12.32 5.99
C GLN A 207 16.63 11.43 6.54
N LEU A 208 15.63 12.04 7.16
CA LEU A 208 14.51 11.29 7.72
C LEU A 208 13.65 10.68 6.61
N ALA A 209 13.27 11.47 5.63
CA ALA A 209 12.54 10.97 4.46
C ALA A 209 13.33 9.86 3.76
N ARG A 210 14.65 10.04 3.67
CA ARG A 210 15.57 9.04 3.14
C ARG A 210 15.53 7.72 3.92
N HIS A 211 15.32 7.82 5.23
CA HIS A 211 15.19 6.63 6.09
C HIS A 211 13.81 5.96 6.01
N GLY A 212 12.84 6.64 5.39
CA GLY A 212 11.51 6.08 5.15
C GLY A 212 10.38 6.82 5.85
N TYR A 213 10.72 7.82 6.67
CA TYR A 213 9.72 8.56 7.44
C TYR A 213 8.94 9.55 6.58
N LEU A 214 7.65 9.68 6.88
CA LEU A 214 6.85 10.75 6.33
C LEU A 214 7.20 12.02 7.12
N VAL A 215 7.79 13.01 6.45
CA VAL A 215 8.28 14.22 7.11
C VAL A 215 8.12 15.44 6.21
N PRO A 216 7.76 16.61 6.80
CA PRO A 216 7.79 17.87 6.03
C PRO A 216 9.16 18.17 5.42
N GLN A 217 9.16 18.92 4.34
CA GLN A 217 10.38 19.25 3.63
C GLN A 217 10.62 20.75 3.66
N THR A 218 9.91 21.44 4.56
CA THR A 218 9.74 22.89 4.49
C THR A 218 10.76 23.72 5.28
N GLY A 219 11.77 23.08 5.87
CA GLY A 219 12.77 23.82 6.65
C GLY A 219 12.25 24.29 8.00
N GLU A 220 10.93 24.27 8.19
CA GLU A 220 10.31 24.67 9.46
C GLU A 220 10.47 23.53 10.44
N LEU A 221 10.54 23.86 11.73
CA LEU A 221 10.74 22.90 12.80
C LEU A 221 9.50 22.82 13.67
N GLU A 222 8.37 22.58 13.05
CA GLU A 222 7.09 22.49 13.75
C GLU A 222 6.94 21.12 14.40
N LYS A 223 5.87 20.90 15.15
CA LYS A 223 5.65 19.61 15.78
C LYS A 223 5.75 18.50 14.73
N ASP A 224 5.19 18.73 13.54
CA ASP A 224 5.19 17.75 12.47
C ASP A 224 6.60 17.23 12.18
N THR A 225 7.53 18.14 12.00
CA THR A 225 8.93 17.77 11.77
C THR A 225 9.54 17.24 13.06
N ARG A 226 9.13 17.81 14.18
CA ARG A 226 9.64 17.45 15.51
C ARG A 226 9.15 16.06 15.96
N ASP A 227 7.90 15.74 15.61
CA ASP A 227 7.34 14.42 15.87
C ASP A 227 8.18 13.34 15.23
N VAL A 228 8.60 13.59 14.00
CA VAL A 228 9.29 12.58 13.19
C VAL A 228 10.72 12.36 13.70
N ILE A 229 11.42 13.46 13.97
CA ILE A 229 12.77 13.37 14.56
C ILE A 229 12.66 12.74 15.95
N GLY A 230 11.63 13.10 16.70
CA GLY A 230 11.36 12.49 17.99
C GLY A 230 11.21 10.98 17.88
N ALA A 231 10.49 10.52 16.86
CA ALA A 231 10.26 9.10 16.65
C ALA A 231 11.59 8.36 16.35
N PHE A 232 12.43 8.99 15.55
CA PHE A 232 13.74 8.41 15.21
C PHE A 232 14.64 8.35 16.44
N GLN A 233 14.56 9.37 17.29
CA GLN A 233 15.36 9.44 18.51
C GLN A 233 14.92 8.31 19.44
N MET A 234 13.61 8.11 19.56
CA MET A 234 13.05 7.04 20.37
C MET A 234 13.64 5.67 20.03
N LYS A 235 13.86 5.43 18.74
CA LYS A 235 14.38 4.16 18.26
C LYS A 235 15.89 4.01 18.54
N TYR A 236 16.67 5.01 18.12
CA TYR A 236 18.14 4.91 18.11
C TYR A 236 18.86 5.67 19.22
N ARG A 237 18.19 6.66 19.81
CA ARG A 237 18.77 7.43 20.90
C ARG A 237 17.67 7.81 21.92
N PRO A 238 17.12 6.80 22.62
CA PRO A 238 15.99 7.05 23.52
C PRO A 238 16.35 7.75 24.83
N ALA A 239 17.62 8.05 25.06
CA ALA A 239 18.05 8.83 26.22
C ALA A 239 17.35 10.19 26.24
N ARG A 240 17.18 10.79 25.05
CA ARG A 240 16.29 11.95 24.88
C ARG A 240 15.68 11.92 23.49
N PHE A 241 14.37 12.16 23.43
CA PHE A 241 13.64 12.21 22.16
C PHE A 241 12.61 13.35 22.14
N ASP A 242 13.12 14.54 22.39
CA ASP A 242 12.31 15.72 22.36
C ASP A 242 12.00 16.15 20.95
N GLY A 243 12.73 15.57 20.03
CA GLY A 243 12.62 15.90 18.62
C GLY A 243 13.47 17.12 18.29
N GLU A 244 14.38 17.47 19.19
CA GLU A 244 15.22 18.65 18.99
C GLU A 244 16.49 18.21 18.28
N PRO A 245 16.85 18.90 17.19
CA PRO A 245 18.06 18.51 16.46
C PRO A 245 19.32 18.49 17.33
N ASP A 246 19.97 17.33 17.29
CA ASP A 246 21.12 16.97 18.11
C ASP A 246 22.27 16.85 17.17
N LEU A 247 23.48 16.84 17.68
CA LEU A 247 24.64 16.42 16.90
C LEU A 247 24.67 14.90 16.79
N GLU A 248 24.44 14.24 17.93
CA GLU A 248 24.40 12.78 18.02
C GLU A 248 23.35 12.19 17.08
N THR A 249 22.18 12.82 17.01
CA THR A 249 21.14 12.41 16.08
C THR A 249 21.58 12.46 14.64
N ALA A 250 22.26 13.56 14.28
CA ALA A 250 22.80 13.71 12.93
C ALA A 250 23.77 12.57 12.62
N ALA A 251 24.63 12.25 13.60
CA ALA A 251 25.56 11.13 13.48
C ALA A 251 24.84 9.81 13.24
N LEU A 252 23.70 9.61 13.91
CA LEU A 252 22.86 8.43 13.68
C LEU A 252 22.25 8.45 12.29
N LEU A 253 21.73 9.60 11.87
CA LEU A 253 21.12 9.73 10.55
C LEU A 253 22.10 9.38 9.42
N LEU A 254 23.40 9.43 9.70
CA LEU A 254 24.43 9.01 8.75
C LEU A 254 24.97 7.61 9.02
N ALA A 255 25.15 7.28 10.30
CA ALA A 255 25.74 5.99 10.69
C ALA A 255 24.77 4.83 10.56
N VAL A 256 23.47 5.12 10.74
CA VAL A 256 22.45 4.08 10.67
C VAL A 256 22.27 3.62 9.22
N PRO A 257 22.36 2.29 8.98
CA PRO A 257 22.08 1.75 7.65
C PRO A 257 20.68 2.14 7.17
N THR A 258 20.52 2.27 5.86
CA THR A 258 19.28 2.75 5.26
C THR A 258 18.41 1.62 4.67
N SER A 259 18.91 0.39 4.70
CA SER A 259 18.16 -0.76 4.22
C SER A 259 18.73 -2.07 4.79
N SER B 19 6.40 -23.39 14.60
CA SER B 19 7.83 -23.21 14.25
C SER B 19 8.57 -22.37 15.30
N GLY B 20 9.59 -22.95 15.93
CA GLY B 20 10.42 -22.19 16.87
C GLY B 20 9.80 -22.11 18.25
N PRO B 21 9.47 -20.89 18.72
CA PRO B 21 9.01 -20.77 20.11
C PRO B 21 7.54 -21.16 20.33
N ARG B 22 7.11 -21.10 21.59
CA ARG B 22 5.83 -21.67 22.04
C ARG B 22 4.61 -20.97 21.39
N LEU B 23 4.18 -21.49 20.24
CA LEU B 23 3.06 -20.92 19.49
C LEU B 23 1.71 -21.48 19.91
N ASN B 24 0.72 -20.60 20.04
CA ASN B 24 -0.66 -21.00 20.32
C ASN B 24 -1.57 -20.60 19.17
N THR B 25 -2.30 -21.59 18.66
CA THR B 25 -3.18 -21.38 17.51
C THR B 25 -4.64 -21.72 17.86
N ASP B 26 -4.97 -21.64 19.14
CA ASP B 26 -6.32 -21.92 19.62
C ASP B 26 -7.31 -20.86 19.13
N TYR B 27 -6.89 -19.60 19.17
CA TYR B 27 -7.82 -18.49 19.00
C TYR B 27 -7.72 -17.88 17.63
N THR B 28 -8.81 -17.25 17.20
CA THR B 28 -8.89 -16.63 15.89
C THR B 28 -9.68 -15.33 15.97
N SER B 29 -9.13 -14.27 15.39
CA SER B 29 -9.74 -12.95 15.47
C SER B 29 -10.94 -12.80 14.55
N ALA B 30 -11.98 -12.16 15.06
CA ALA B 30 -13.14 -11.80 14.25
C ALA B 30 -12.83 -10.55 13.42
N ASN B 31 -11.74 -9.87 13.74
CA ASN B 31 -11.40 -8.58 13.13
C ASN B 31 -10.43 -8.80 11.96
N GLN B 32 -10.92 -9.52 10.95
CA GLN B 32 -10.09 -10.14 9.91
C GLN B 32 -10.62 -9.79 8.52
N ASP B 33 -9.73 -9.80 7.53
CA ASP B 33 -10.06 -9.26 6.21
C ASP B 33 -9.16 -9.79 5.08
N SER B 34 -9.50 -9.53 3.83
CA SER B 34 -8.59 -9.82 2.71
C SER B 34 -7.50 -8.74 2.62
N ARG B 35 -6.30 -9.15 2.23
CA ARG B 35 -5.22 -8.23 1.94
C ARG B 35 -5.45 -7.53 0.60
N VAL B 36 -6.28 -8.15 -0.25
CA VAL B 36 -6.54 -7.63 -1.60
C VAL B 36 -7.70 -6.63 -1.58
N GLN B 37 -7.38 -5.38 -1.91
CA GLN B 37 -8.38 -4.31 -1.94
C GLN B 37 -8.75 -3.88 -3.37
N PHE B 38 -7.82 -4.01 -4.31
CA PHE B 38 -8.02 -3.55 -5.69
C PHE B 38 -7.83 -4.65 -6.72
N ILE B 39 -8.49 -4.49 -7.86
CA ILE B 39 -8.26 -5.33 -9.04
C ILE B 39 -7.83 -4.42 -10.18
N VAL B 40 -6.65 -4.69 -10.75
CA VAL B 40 -6.12 -3.85 -11.83
C VAL B 40 -6.22 -4.60 -13.17
N LEU B 41 -6.89 -3.98 -14.13
CA LEU B 41 -7.03 -4.56 -15.46
C LEU B 41 -5.90 -4.10 -16.38
N HIS B 42 -5.43 -5.01 -17.23
CA HIS B 42 -4.39 -4.71 -18.21
C HIS B 42 -4.73 -5.32 -19.54
N TYR B 43 -4.02 -4.90 -20.58
CA TYR B 43 -3.85 -5.72 -21.75
C TYR B 43 -2.38 -6.07 -21.87
N THR B 44 -2.10 -7.16 -22.58
CA THR B 44 -0.74 -7.53 -22.86
C THR B 44 -0.64 -6.75 -24.14
N SER B 45 0.54 -6.40 -24.59
CA SER B 45 0.62 -5.84 -25.95
C SER B 45 1.08 -6.91 -26.94
N THR B 46 1.00 -8.17 -26.51
CA THR B 46 1.57 -9.30 -27.21
C THR B 46 0.53 -10.39 -27.37
N ASP B 47 0.77 -11.33 -28.29
CA ASP B 47 -0.14 -12.47 -28.50
C ASP B 47 -0.11 -13.44 -27.31
N LEU B 48 -0.94 -14.47 -27.37
CA LEU B 48 -1.08 -15.44 -26.27
C LEU B 48 0.22 -16.19 -25.93
N PRO B 49 0.89 -16.78 -26.94
CA PRO B 49 2.16 -17.46 -26.62
C PRO B 49 3.22 -16.58 -25.93
N HIS B 50 3.41 -15.36 -26.42
CA HIS B 50 4.42 -14.45 -25.85
C HIS B 50 3.99 -13.97 -24.47
N SER B 51 2.69 -13.74 -24.30
CA SER B 51 2.16 -13.29 -23.03
C SER B 51 2.44 -14.31 -21.92
N LEU B 52 2.23 -15.59 -22.21
CA LEU B 52 2.49 -16.65 -21.24
C LEU B 52 3.94 -16.65 -20.77
N GLY B 53 4.87 -16.53 -21.71
CA GLY B 53 6.29 -16.48 -21.39
C GLY B 53 6.65 -15.28 -20.52
N ILE B 54 6.23 -14.10 -20.97
CA ILE B 54 6.52 -12.85 -20.28
C ILE B 54 5.96 -12.88 -18.86
N LEU B 55 4.73 -13.35 -18.72
CA LEU B 55 4.03 -13.33 -17.44
C LEU B 55 4.49 -14.43 -16.48
N THR B 56 5.21 -15.41 -16.99
CA THR B 56 5.75 -16.49 -16.16
C THR B 56 7.26 -16.41 -15.94
N HIS B 57 7.99 -15.83 -16.90
CA HIS B 57 9.46 -15.73 -16.80
C HIS B 57 10.02 -14.41 -17.31
N GLY B 58 9.19 -13.37 -17.38
CA GLY B 58 9.66 -12.07 -17.81
C GLY B 58 10.06 -11.26 -16.59
N GLY B 59 9.99 -9.95 -16.68
CA GLY B 59 10.18 -9.11 -15.51
C GLY B 59 8.87 -8.75 -14.84
N VAL B 60 7.78 -9.34 -15.32
CA VAL B 60 6.42 -8.90 -15.02
C VAL B 60 5.52 -10.12 -14.86
N SER B 61 4.44 -9.96 -14.08
CA SER B 61 3.52 -11.05 -13.83
C SER B 61 2.10 -10.54 -13.52
N ALA B 62 1.12 -11.41 -13.70
CA ALA B 62 -0.26 -11.15 -13.28
C ALA B 62 -0.85 -12.44 -12.74
N HIS B 63 -1.88 -12.31 -11.90
CA HIS B 63 -2.54 -13.47 -11.32
C HIS B 63 -3.29 -14.24 -12.38
N TYR B 64 -3.88 -13.49 -13.32
CA TYR B 64 -4.68 -14.08 -14.37
C TYR B 64 -4.30 -13.54 -15.73
N LEU B 65 -4.49 -14.39 -16.73
CA LEU B 65 -4.26 -14.04 -18.12
C LEU B 65 -5.43 -14.57 -18.93
N ILE B 66 -6.18 -13.67 -19.55
CA ILE B 66 -7.33 -14.08 -20.36
C ILE B 66 -6.91 -14.22 -21.81
N GLY B 67 -6.91 -15.47 -22.30
CA GLY B 67 -6.52 -15.78 -23.67
C GLY B 67 -7.52 -15.31 -24.70
N ASP B 68 -7.13 -15.49 -25.95
CA ASP B 68 -7.85 -14.97 -27.11
C ASP B 68 -9.01 -15.86 -27.61
N ASP B 69 -8.86 -17.16 -27.44
CA ASP B 69 -9.76 -18.19 -28.01
C ASP B 69 -11.24 -18.08 -27.60
N GLU B 70 -12.09 -18.89 -28.24
CA GLU B 70 -13.52 -18.95 -27.93
C GLU B 70 -13.93 -20.37 -27.55
N PRO B 71 -14.32 -20.60 -26.29
CA PRO B 71 -14.34 -19.63 -25.20
C PRO B 71 -12.93 -19.22 -24.77
N ALA B 72 -12.81 -18.01 -24.24
CA ALA B 72 -11.55 -17.48 -23.74
C ALA B 72 -11.09 -18.25 -22.52
N THR B 73 -9.87 -18.78 -22.55
CA THR B 73 -9.33 -19.56 -21.42
C THR B 73 -8.55 -18.66 -20.48
N VAL B 74 -8.82 -18.79 -19.20
CA VAL B 74 -8.19 -17.97 -18.17
C VAL B 74 -7.09 -18.78 -17.51
N TYR B 75 -5.91 -18.19 -17.39
CA TYR B 75 -4.77 -18.85 -16.76
C TYR B 75 -4.47 -18.25 -15.40
N ARG B 76 -4.49 -19.08 -14.36
CA ARG B 76 -4.01 -18.62 -13.05
C ARG B 76 -2.50 -18.87 -13.02
N LEU B 77 -1.74 -17.79 -13.01
CA LEU B 77 -0.27 -17.86 -13.03
C LEU B 77 0.33 -17.58 -11.66
N VAL B 78 -0.39 -16.84 -10.84
CA VAL B 78 0.01 -16.54 -9.46
C VAL B 78 -1.25 -16.64 -8.60
N ASP B 79 -1.20 -17.39 -7.51
CA ASP B 79 -2.39 -17.46 -6.66
C ASP B 79 -2.66 -16.11 -6.02
N GLU B 80 -3.93 -15.88 -5.74
CA GLU B 80 -4.41 -14.60 -5.21
C GLU B 80 -3.81 -14.30 -3.85
N ASN B 81 -3.03 -15.24 -3.33
CA ASN B 81 -2.42 -15.10 -2.02
C ASN B 81 -1.04 -14.46 -2.05
N ARG B 82 -0.37 -14.54 -3.20
CA ARG B 82 0.96 -13.98 -3.34
C ARG B 82 0.95 -12.75 -4.24
N ARG B 83 2.08 -12.08 -4.31
CA ARG B 83 2.18 -10.82 -5.00
C ARG B 83 2.61 -10.98 -6.45
N ALA B 84 1.75 -10.51 -7.36
CA ALA B 84 2.10 -10.48 -8.77
C ALA B 84 2.62 -9.09 -9.11
N TRP B 85 3.58 -9.03 -10.03
CA TRP B 85 4.24 -7.77 -10.42
C TRP B 85 3.67 -7.20 -11.72
N HIS B 86 2.59 -6.45 -11.59
CA HIS B 86 1.84 -5.93 -12.74
C HIS B 86 1.69 -4.41 -12.72
N ALA B 87 1.60 -3.84 -11.53
CA ALA B 87 1.22 -2.43 -11.38
C ALA B 87 2.41 -1.46 -11.40
N GLY B 88 3.51 -1.79 -10.73
CA GLY B 88 4.65 -0.87 -10.62
C GLY B 88 4.31 0.33 -9.77
N VAL B 89 4.90 1.48 -10.09
CA VAL B 89 4.62 2.70 -9.33
C VAL B 89 3.17 3.15 -9.57
N SER B 90 2.41 3.24 -8.49
CA SER B 90 0.96 3.29 -8.59
C SER B 90 0.32 4.00 -7.42
N GLU B 91 -0.84 4.62 -7.67
CA GLU B 91 -1.67 5.11 -6.58
C GLU B 91 -3.15 5.15 -6.93
N TRP B 92 -3.98 4.72 -5.98
CA TRP B 92 -5.42 4.81 -6.11
C TRP B 92 -6.02 5.07 -4.74
N GLN B 93 -6.87 6.09 -4.66
CA GLN B 93 -7.49 6.50 -3.42
C GLN B 93 -6.47 6.60 -2.30
N GLY B 94 -5.30 7.16 -2.59
CA GLY B 94 -4.24 7.34 -1.60
C GLY B 94 -3.42 6.10 -1.27
N ARG B 95 -3.82 4.94 -1.79
CA ARG B 95 -3.07 3.71 -1.60
C ARG B 95 -1.97 3.68 -2.65
N THR B 96 -0.71 3.51 -2.22
CA THR B 96 0.42 3.48 -3.14
C THR B 96 0.97 2.07 -3.32
N TRP B 97 1.72 1.85 -4.40
CA TRP B 97 2.36 0.57 -4.67
C TRP B 97 1.36 -0.57 -4.58
N LEU B 98 0.50 -0.67 -5.58
CA LEU B 98 -0.71 -1.48 -5.49
C LEU B 98 -0.50 -2.99 -5.65
N ASN B 99 0.62 -3.40 -6.22
CA ASN B 99 0.92 -4.84 -6.36
C ASN B 99 0.52 -5.66 -5.13
N ALA B 100 1.10 -5.32 -3.98
CA ALA B 100 0.91 -6.08 -2.75
C ALA B 100 -0.54 -6.13 -2.29
N THR B 101 -1.33 -5.14 -2.70
CA THR B 101 -2.70 -4.97 -2.25
C THR B 101 -3.71 -5.25 -3.38
N SER B 102 -3.26 -5.90 -4.45
CA SER B 102 -4.13 -6.03 -5.61
C SER B 102 -4.01 -7.35 -6.34
N ILE B 103 -5.00 -7.59 -7.20
CA ILE B 103 -4.99 -8.70 -8.15
C ILE B 103 -4.91 -8.10 -9.55
N GLY B 104 -3.87 -8.46 -10.30
CA GLY B 104 -3.70 -8.04 -11.68
C GLY B 104 -4.25 -9.05 -12.67
N ILE B 105 -4.97 -8.56 -13.68
CA ILE B 105 -5.54 -9.39 -14.74
C ILE B 105 -5.10 -8.86 -16.11
N GLU B 106 -4.29 -9.65 -16.82
CA GLU B 106 -3.85 -9.29 -18.16
C GLU B 106 -4.78 -9.93 -19.16
N ILE B 107 -4.96 -9.29 -20.30
CA ILE B 107 -5.82 -9.76 -21.36
C ILE B 107 -5.03 -9.75 -22.65
N VAL B 108 -4.95 -10.87 -23.36
CA VAL B 108 -4.21 -10.87 -24.64
C VAL B 108 -4.97 -9.93 -25.58
N ASN B 109 -4.31 -8.84 -25.94
CA ASN B 109 -4.84 -7.84 -26.84
C ASN B 109 -3.66 -7.05 -27.37
N GLN B 110 -3.66 -6.75 -28.67
CA GLN B 110 -2.50 -6.13 -29.34
C GLN B 110 -2.14 -4.68 -28.99
N GLY B 111 -2.98 -3.95 -28.27
CA GLY B 111 -2.65 -2.59 -27.83
C GLY B 111 -3.12 -1.48 -28.76
N TYR B 112 -2.20 -0.66 -29.28
CA TYR B 112 -2.56 0.46 -30.14
C TYR B 112 -1.60 0.66 -31.29
N ARG B 113 -1.98 1.56 -32.20
CA ARG B 113 -1.15 1.97 -33.32
C ARG B 113 -1.31 3.47 -33.53
N ASP B 114 -0.31 4.09 -34.13
CA ASP B 114 -0.32 5.55 -34.33
C ASP B 114 -0.58 5.97 -35.78
N THR B 115 -1.69 6.66 -36.01
CA THR B 115 -1.90 7.35 -37.27
C THR B 115 -1.48 8.81 -37.11
N PRO B 116 -1.29 9.53 -38.23
CA PRO B 116 -1.05 10.97 -38.18
C PRO B 116 -2.18 11.81 -37.57
N GLN B 117 -3.35 11.22 -37.40
CA GLN B 117 -4.51 11.94 -36.86
C GLN B 117 -4.96 11.34 -35.53
N GLY B 118 -4.00 10.87 -34.75
CA GLY B 118 -4.28 10.25 -33.45
C GLY B 118 -4.02 8.76 -33.43
N ARG B 119 -4.63 8.09 -32.46
CA ARG B 119 -4.25 6.74 -32.10
C ARG B 119 -5.43 5.76 -32.18
N VAL B 120 -5.16 4.60 -32.76
CA VAL B 120 -6.18 3.56 -32.96
C VAL B 120 -5.78 2.32 -32.18
N TRP B 121 -6.77 1.51 -31.83
CA TRP B 121 -6.60 0.46 -30.84
C TRP B 121 -7.31 -0.79 -31.30
N TYR B 122 -6.78 -1.95 -30.92
CA TYR B 122 -7.45 -3.20 -31.21
C TYR B 122 -8.56 -3.43 -30.19
N PRO B 123 -9.75 -3.82 -30.67
CA PRO B 123 -10.82 -4.17 -29.75
C PRO B 123 -10.61 -5.55 -29.12
N PHE B 124 -11.29 -5.77 -28.00
CA PHE B 124 -11.19 -7.01 -27.26
C PHE B 124 -12.19 -7.98 -27.87
N SER B 125 -11.80 -9.24 -28.01
CA SER B 125 -12.73 -10.27 -28.45
C SER B 125 -13.87 -10.36 -27.43
N GLU B 126 -15.07 -10.65 -27.91
CA GLU B 126 -16.22 -10.81 -27.03
C GLU B 126 -16.08 -12.03 -26.12
N ALA B 127 -15.37 -13.05 -26.59
CA ALA B 127 -15.11 -14.25 -25.80
C ALA B 127 -14.37 -13.90 -24.53
N GLN B 128 -13.37 -13.03 -24.64
CA GLN B 128 -12.56 -12.63 -23.50
C GLN B 128 -13.34 -11.81 -22.47
N ILE B 129 -14.29 -11.01 -22.94
CA ILE B 129 -15.11 -10.18 -22.06
C ILE B 129 -16.05 -11.06 -21.24
N GLN B 130 -16.68 -12.03 -21.89
CA GLN B 130 -17.58 -12.96 -21.19
C GLN B 130 -16.85 -13.90 -20.24
N ALA B 131 -15.54 -14.06 -20.45
CA ALA B 131 -14.69 -14.79 -19.51
C ALA B 131 -14.34 -13.90 -18.33
N LEU B 132 -14.09 -12.64 -18.64
CA LEU B 132 -13.65 -11.63 -17.67
C LEU B 132 -14.69 -11.32 -16.58
N ILE B 133 -15.96 -11.15 -16.98
CA ILE B 133 -17.00 -10.75 -16.03
C ILE B 133 -17.19 -11.76 -14.89
N PRO B 134 -17.52 -13.02 -15.21
CA PRO B 134 -17.60 -14.07 -14.18
C PRO B 134 -16.39 -14.10 -13.25
N LEU B 135 -15.19 -14.02 -13.82
CA LEU B 135 -13.95 -13.95 -13.05
C LEU B 135 -14.00 -12.79 -12.05
N LEU B 136 -14.33 -11.59 -12.54
CA LEU B 136 -14.35 -10.40 -11.68
C LEU B 136 -15.40 -10.51 -10.57
N LYS B 137 -16.57 -11.03 -10.91
CA LYS B 137 -17.61 -11.27 -9.90
C LYS B 137 -17.06 -12.19 -8.82
N ASP B 138 -16.45 -13.30 -9.23
CA ASP B 138 -15.94 -14.31 -8.30
C ASP B 138 -14.84 -13.75 -7.40
N ILE B 139 -13.88 -13.06 -8.00
CA ILE B 139 -12.79 -12.43 -7.25
C ILE B 139 -13.32 -11.35 -6.31
N ALA B 140 -14.20 -10.50 -6.82
CA ALA B 140 -14.77 -9.42 -5.99
C ALA B 140 -15.58 -9.95 -4.80
N LYS B 141 -16.30 -11.05 -5.01
CA LYS B 141 -17.10 -11.64 -3.95
C LYS B 141 -16.23 -12.19 -2.82
N ARG B 142 -15.27 -13.03 -3.20
CA ARG B 142 -14.35 -13.66 -2.25
C ARG B 142 -13.56 -12.64 -1.44
N HIS B 143 -13.16 -11.56 -2.09
CA HIS B 143 -12.26 -10.59 -1.48
C HIS B 143 -12.99 -9.34 -0.98
N GLY B 144 -14.30 -9.29 -1.19
CA GLY B 144 -15.11 -8.15 -0.78
C GLY B 144 -14.61 -6.83 -1.36
N ILE B 145 -14.33 -6.83 -2.66
CA ILE B 145 -13.83 -5.65 -3.34
C ILE B 145 -15.00 -4.92 -3.98
N THR B 146 -15.03 -3.61 -3.82
CA THR B 146 -16.13 -2.77 -4.28
C THR B 146 -15.88 -2.33 -5.71
N PRO B 147 -16.93 -1.87 -6.42
CA PRO B 147 -16.77 -1.42 -7.80
C PRO B 147 -15.70 -0.36 -8.03
N ASP B 148 -15.61 0.63 -7.14
CA ASP B 148 -14.65 1.73 -7.31
C ASP B 148 -13.18 1.28 -7.19
N ARG B 149 -12.97 0.02 -6.79
CA ARG B 149 -11.65 -0.55 -6.64
C ARG B 149 -11.33 -1.61 -7.70
N ILE B 150 -12.25 -1.77 -8.66
CA ILE B 150 -12.00 -2.58 -9.85
C ILE B 150 -11.67 -1.61 -10.97
N ILE B 151 -10.39 -1.52 -11.33
CA ILE B 151 -9.90 -0.37 -12.11
C ILE B 151 -8.80 -0.73 -13.10
N GLY B 152 -8.54 0.18 -14.04
CA GLY B 152 -7.55 -0.03 -15.08
C GLY B 152 -6.17 0.44 -14.67
N HIS B 153 -5.17 0.06 -15.46
CA HIS B 153 -3.81 0.46 -15.20
C HIS B 153 -3.62 1.95 -15.50
N SER B 154 -4.33 2.42 -16.53
CA SER B 154 -4.35 3.84 -16.88
C SER B 154 -4.79 4.73 -15.72
N ASP B 155 -5.62 4.20 -14.83
CA ASP B 155 -6.11 4.94 -13.68
C ASP B 155 -5.07 5.09 -12.58
N ILE B 156 -4.31 4.02 -12.33
CA ILE B 156 -3.36 4.01 -11.21
C ILE B 156 -1.98 4.55 -11.59
N ALA B 157 -1.78 4.81 -12.88
CA ALA B 157 -0.58 5.49 -13.34
C ALA B 157 -0.93 6.27 -14.60
N PRO B 158 -1.55 7.45 -14.43
CA PRO B 158 -2.08 8.17 -15.59
C PRO B 158 -1.10 8.69 -16.62
N GLY B 159 0.08 9.13 -16.18
CA GLY B 159 1.09 9.67 -17.10
C GLY B 159 2.04 8.64 -17.67
N ARG B 160 1.85 7.39 -17.27
CA ARG B 160 2.78 6.32 -17.57
C ARG B 160 2.12 5.14 -18.30
N LYS B 161 0.84 4.91 -18.05
CA LYS B 161 0.13 3.78 -18.65
C LYS B 161 -1.15 4.24 -19.29
N VAL B 162 -1.70 3.38 -20.16
CA VAL B 162 -2.89 3.71 -20.94
C VAL B 162 -3.81 2.50 -21.21
N ASP B 163 -3.52 1.37 -20.57
CA ASP B 163 -4.28 0.14 -20.76
C ASP B 163 -5.32 0.02 -19.65
N PRO B 164 -6.46 -0.63 -19.94
CA PRO B 164 -6.73 -1.37 -21.18
C PRO B 164 -7.25 -0.53 -22.36
N GLY B 165 -7.23 0.80 -22.24
CA GLY B 165 -7.50 1.67 -23.39
C GLY B 165 -8.96 2.01 -23.60
N PRO B 166 -9.24 2.88 -24.58
CA PRO B 166 -10.59 3.41 -24.78
C PRO B 166 -11.60 2.38 -25.31
N LEU B 167 -11.10 1.23 -25.75
CA LEU B 167 -11.95 0.16 -26.31
C LEU B 167 -12.38 -0.88 -25.29
N PHE B 168 -11.99 -0.67 -24.03
CA PHE B 168 -12.42 -1.56 -22.97
C PHE B 168 -13.88 -1.25 -22.63
N PRO B 169 -14.75 -2.27 -22.69
CA PRO B 169 -16.17 -2.01 -22.47
C PRO B 169 -16.48 -1.97 -20.99
N TRP B 170 -16.14 -0.84 -20.35
CA TRP B 170 -16.47 -0.62 -18.95
C TRP B 170 -17.98 -0.67 -18.79
N LYS B 171 -18.69 -0.20 -19.80
CA LYS B 171 -20.15 -0.19 -19.76
C LYS B 171 -20.72 -1.60 -19.54
N ARG B 172 -20.08 -2.64 -20.07
CA ARG B 172 -20.50 -4.02 -19.83
C ARG B 172 -20.26 -4.43 -18.38
N LEU B 173 -19.12 -4.03 -17.85
CA LEU B 173 -18.78 -4.30 -16.45
C LEU B 173 -19.74 -3.53 -15.53
N ALA B 174 -20.02 -2.27 -15.89
CA ALA B 174 -21.03 -1.46 -15.21
C ALA B 174 -22.37 -2.19 -15.17
N ASP B 175 -22.76 -2.77 -16.31
CA ASP B 175 -24.00 -3.53 -16.44
C ASP B 175 -24.05 -4.76 -15.54
N ALA B 176 -22.89 -5.41 -15.36
CA ALA B 176 -22.76 -6.53 -14.43
C ALA B 176 -22.60 -6.06 -12.98
N GLY B 177 -22.59 -4.73 -12.77
CA GLY B 177 -22.47 -4.14 -11.45
C GLY B 177 -21.05 -4.15 -10.91
N LEU B 178 -20.06 -4.29 -11.80
CA LEU B 178 -18.68 -4.52 -11.39
C LEU B 178 -17.84 -3.25 -11.29
N VAL B 179 -18.28 -2.17 -11.93
CA VAL B 179 -17.58 -0.87 -11.89
C VAL B 179 -18.57 0.30 -11.83
N PRO B 180 -18.11 1.47 -11.32
CA PRO B 180 -18.99 2.65 -11.27
C PRO B 180 -19.43 3.15 -12.64
N TRP B 181 -20.66 3.64 -12.71
CA TRP B 181 -21.23 4.19 -13.95
C TRP B 181 -22.40 5.12 -13.64
N PRO B 182 -22.49 6.28 -14.31
CA PRO B 182 -23.59 7.20 -14.05
C PRO B 182 -24.95 6.64 -14.47
N LYS B 183 -25.97 6.95 -13.72
CA LYS B 183 -27.28 6.45 -13.98
C LYS B 183 -27.89 7.27 -15.07
N PRO B 184 -28.91 6.72 -15.72
CA PRO B 184 -29.54 7.43 -16.86
C PRO B 184 -30.01 8.82 -16.44
N GLY B 185 -29.63 9.85 -17.20
CA GLY B 185 -30.10 11.20 -16.93
C GLY B 185 -29.53 11.82 -15.67
N GLU B 186 -28.59 11.12 -15.02
CA GLU B 186 -27.72 11.76 -14.05
C GLU B 186 -26.82 12.73 -14.80
N LEU B 187 -26.21 12.23 -15.87
CA LEU B 187 -25.41 13.05 -16.77
C LEU B 187 -26.15 14.33 -17.19
N ALA B 188 -27.33 14.16 -17.81
CA ALA B 188 -28.11 15.28 -18.34
C ALA B 188 -28.51 16.27 -17.26
N ARG B 189 -28.69 15.78 -16.03
CA ARG B 189 -29.02 16.63 -14.89
C ARG B 189 -27.80 17.44 -14.44
N ARG B 190 -26.61 16.85 -14.53
CA ARG B 190 -25.38 17.49 -14.08
C ARG B 190 -24.95 18.63 -14.98
N LEU B 191 -25.02 18.45 -16.29
CA LEU B 191 -24.68 19.55 -17.18
C LEU B 191 -25.74 20.67 -17.12
N ALA B 192 -26.98 20.34 -16.75
CA ALA B 192 -28.02 21.34 -16.49
C ALA B 192 -27.65 22.20 -15.28
N GLU B 193 -27.05 21.57 -14.27
CA GLU B 193 -26.57 22.30 -13.09
C GLU B 193 -25.40 23.22 -13.42
N LEU B 194 -24.50 22.77 -14.30
CA LEU B 194 -23.31 23.57 -14.67
C LEU B 194 -23.66 24.85 -15.41
N ASN B 195 -24.82 24.89 -16.07
CA ASN B 195 -25.33 26.12 -16.69
C ASN B 195 -24.53 26.57 -17.92
N GLY B 196 -23.65 25.71 -18.43
CA GLY B 196 -22.73 26.07 -19.51
C GLY B 196 -21.42 26.69 -19.05
N GLN B 197 -21.24 26.85 -17.74
CA GLN B 197 -20.06 27.48 -17.19
C GLN B 197 -19.03 26.41 -16.84
N LEU B 198 -17.87 26.45 -17.49
CA LEU B 198 -16.82 25.47 -17.31
C LEU B 198 -16.00 25.76 -16.06
N PRO B 199 -15.94 24.82 -15.10
CA PRO B 199 -15.09 24.97 -13.92
C PRO B 199 -13.60 25.09 -14.22
N ASP B 200 -12.86 25.68 -13.28
CA ASP B 200 -11.42 25.88 -13.44
C ASP B 200 -10.64 24.61 -13.11
N VAL B 201 -9.38 24.60 -13.55
CA VAL B 201 -8.48 23.46 -13.37
C VAL B 201 -8.46 22.92 -11.95
N ARG B 202 -8.34 23.83 -10.98
CA ARG B 202 -8.28 23.46 -9.56
C ARG B 202 -9.52 22.62 -9.15
N TRP B 203 -10.68 22.95 -9.71
CA TRP B 203 -11.92 22.20 -9.47
C TRP B 203 -11.84 20.78 -10.04
N PHE B 204 -11.42 20.69 -11.30
CA PHE B 204 -11.19 19.40 -11.96
C PHE B 204 -10.22 18.55 -11.14
N GLN B 205 -9.12 19.17 -10.70
CA GLN B 205 -8.12 18.51 -9.87
C GLN B 205 -8.71 18.00 -8.55
N GLN B 206 -9.65 18.74 -7.99
CA GLN B 206 -10.33 18.34 -6.75
C GLN B 206 -11.21 17.11 -6.99
N GLN B 207 -11.97 17.14 -8.08
CA GLN B 207 -12.90 16.05 -8.40
C GLN B 207 -12.17 14.77 -8.76
N LEU B 208 -11.03 14.91 -9.45
CA LEU B 208 -10.25 13.76 -9.86
C LEU B 208 -9.63 13.06 -8.63
N ALA B 209 -8.99 13.84 -7.76
CA ALA B 209 -8.45 13.29 -6.50
C ALA B 209 -9.56 12.64 -5.67
N ARG B 210 -10.72 13.26 -5.66
CA ARG B 210 -11.91 12.71 -5.00
C ARG B 210 -12.33 11.36 -5.58
N HIS B 211 -12.14 11.16 -6.89
CA HIS B 211 -12.46 9.90 -7.56
C HIS B 211 -11.40 8.83 -7.34
N GLY B 212 -10.25 9.23 -6.80
CA GLY B 212 -9.19 8.30 -6.45
C GLY B 212 -7.88 8.52 -7.18
N TYR B 213 -7.87 9.43 -8.15
CA TYR B 213 -6.69 9.67 -8.99
C TYR B 213 -5.60 10.46 -8.26
N LEU B 214 -4.35 10.11 -8.52
CA LEU B 214 -3.23 10.95 -8.12
C LEU B 214 -3.15 12.10 -9.10
N VAL B 215 -3.36 13.32 -8.61
CA VAL B 215 -3.41 14.50 -9.46
C VAL B 215 -2.85 15.73 -8.73
N PRO B 216 -2.12 16.59 -9.46
CA PRO B 216 -1.68 17.86 -8.90
C PRO B 216 -2.86 18.71 -8.39
N GLN B 217 -2.61 19.59 -7.42
CA GLN B 217 -3.66 20.47 -6.89
C GLN B 217 -3.33 21.94 -7.17
N THR B 218 -2.42 22.17 -8.12
CA THR B 218 -1.81 23.48 -8.36
C THR B 218 -2.82 24.54 -8.78
N GLY B 219 -3.78 24.13 -9.60
CA GLY B 219 -4.60 25.04 -10.41
C GLY B 219 -4.05 25.27 -11.82
N GLU B 220 -2.87 24.71 -12.12
CA GLU B 220 -2.27 24.72 -13.46
C GLU B 220 -2.54 23.42 -14.24
N LEU B 221 -2.59 23.54 -15.57
CA LEU B 221 -2.88 22.44 -16.47
C LEU B 221 -1.62 21.98 -17.21
N GLU B 222 -0.70 21.34 -16.49
CA GLU B 222 0.49 20.72 -17.10
C GLU B 222 0.17 19.27 -17.49
N LYS B 223 1.15 18.58 -18.09
CA LYS B 223 0.95 17.19 -18.53
C LYS B 223 0.38 16.34 -17.40
N ASP B 224 0.97 16.52 -16.21
CA ASP B 224 0.63 15.74 -15.05
C ASP B 224 -0.86 15.83 -14.77
N THR B 225 -1.41 17.04 -14.79
CA THR B 225 -2.85 17.23 -14.60
C THR B 225 -3.62 16.75 -15.83
N ARG B 226 -3.04 16.96 -17.01
CA ARG B 226 -3.66 16.58 -18.28
C ARG B 226 -3.70 15.06 -18.50
N ASP B 227 -2.65 14.39 -18.06
CA ASP B 227 -2.58 12.94 -18.12
C ASP B 227 -3.75 12.33 -17.35
N VAL B 228 -4.03 12.90 -16.18
CA VAL B 228 -5.02 12.33 -15.27
C VAL B 228 -6.44 12.54 -15.78
N ILE B 229 -6.72 13.75 -16.25
CA ILE B 229 -8.01 14.03 -16.88
C ILE B 229 -8.16 13.18 -18.14
N GLY B 230 -7.09 13.04 -18.91
CA GLY B 230 -7.10 12.17 -20.07
C GLY B 230 -7.47 10.73 -19.73
N ALA B 231 -6.93 10.23 -18.62
CA ALA B 231 -7.22 8.87 -18.19
C ALA B 231 -8.70 8.68 -17.83
N PHE B 232 -9.26 9.68 -17.16
CA PHE B 232 -10.66 9.63 -16.77
C PHE B 232 -11.57 9.65 -17.99
N GLN B 233 -11.15 10.43 -18.99
CA GLN B 233 -11.91 10.56 -20.23
C GLN B 233 -11.91 9.23 -20.96
N MET B 234 -10.76 8.57 -21.01
CA MET B 234 -10.64 7.26 -21.62
C MET B 234 -11.65 6.24 -21.08
N LYS B 235 -11.89 6.29 -19.78
CA LYS B 235 -12.81 5.36 -19.11
C LYS B 235 -14.27 5.69 -19.44
N TYR B 236 -14.66 6.95 -19.22
CA TYR B 236 -16.06 7.37 -19.25
C TYR B 236 -16.49 8.16 -20.48
N ARG B 237 -15.55 8.74 -21.21
CA ARG B 237 -15.85 9.50 -22.41
C ARG B 237 -14.72 9.31 -23.42
N PRO B 238 -14.58 8.08 -23.94
CA PRO B 238 -13.45 7.75 -24.82
C PRO B 238 -13.56 8.32 -26.23
N ALA B 239 -14.65 9.02 -26.54
CA ALA B 239 -14.78 9.70 -27.83
C ALA B 239 -13.65 10.71 -28.03
N ARG B 240 -13.28 11.38 -26.94
CA ARG B 240 -12.05 12.18 -26.91
C ARG B 240 -11.44 12.14 -25.52
N PHE B 241 -10.14 11.92 -25.47
CA PHE B 241 -9.41 11.93 -24.21
C PHE B 241 -8.03 12.62 -24.32
N ASP B 242 -8.07 13.84 -24.88
CA ASP B 242 -6.89 14.69 -24.99
C ASP B 242 -6.47 15.29 -23.65
N GLY B 243 -7.32 15.15 -22.65
CA GLY B 243 -7.06 15.65 -21.31
C GLY B 243 -7.42 17.12 -21.20
N GLU B 244 -8.20 17.60 -22.18
CA GLU B 244 -8.58 19.00 -22.22
C GLU B 244 -9.88 19.16 -21.43
N PRO B 245 -9.90 20.09 -20.45
CA PRO B 245 -11.13 20.31 -19.69
C PRO B 245 -12.33 20.65 -20.56
N ASP B 246 -13.35 19.81 -20.46
CA ASP B 246 -14.55 19.94 -21.24
C ASP B 246 -15.71 20.10 -20.28
N LEU B 247 -16.88 20.45 -20.82
CA LEU B 247 -18.09 20.57 -20.02
C LEU B 247 -18.66 19.16 -19.71
N GLU B 248 -18.70 18.31 -20.72
CA GLU B 248 -19.17 16.92 -20.57
C GLU B 248 -18.36 16.16 -19.52
N THR B 249 -17.05 16.34 -19.52
CA THR B 249 -16.17 15.72 -18.54
C THR B 249 -16.51 16.17 -17.11
N ALA B 250 -16.78 17.45 -16.93
CA ALA B 250 -17.24 17.98 -15.65
C ALA B 250 -18.55 17.31 -15.21
N ALA B 251 -19.49 17.16 -16.13
CA ALA B 251 -20.74 16.45 -15.87
C ALA B 251 -20.52 15.00 -15.43
N LEU B 252 -19.54 14.33 -16.04
CA LEU B 252 -19.15 12.98 -15.60
C LEU B 252 -18.54 12.99 -14.21
N LEU B 253 -17.66 13.95 -13.95
CA LEU B 253 -17.01 14.08 -12.65
C LEU B 253 -18.01 14.25 -11.50
N LEU B 254 -19.23 14.69 -11.82
CA LEU B 254 -20.30 14.80 -10.85
C LEU B 254 -21.29 13.63 -10.92
N ALA B 255 -21.61 13.19 -12.14
CA ALA B 255 -22.59 12.13 -12.34
C ALA B 255 -22.05 10.73 -12.02
N VAL B 256 -20.75 10.52 -12.19
CA VAL B 256 -20.14 9.21 -11.93
C VAL B 256 -20.16 8.91 -10.43
N PRO B 257 -20.70 7.74 -10.04
CA PRO B 257 -20.68 7.32 -8.64
C PRO B 257 -19.27 7.18 -8.05
N THR B 258 -19.22 7.26 -6.72
CA THR B 258 -18.11 6.71 -5.95
C THR B 258 -18.42 5.24 -5.51
N SER B 259 -19.62 4.75 -5.82
CA SER B 259 -20.05 3.35 -5.54
C SER B 259 -19.41 2.70 -4.31
#